data_5C6W
#
_entry.id   5C6W
#
_cell.length_a   69.980
_cell.length_b   80.360
_cell.length_c   119.240
_cell.angle_alpha   90.00
_cell.angle_beta   90.00
_cell.angle_gamma   90.00
#
_symmetry.space_group_name_H-M   'P 21 21 21'
#
loop_
_entity.id
_entity.type
_entity.pdbx_description
1 polymer 'Protein IGHV1-69-2,Ig lambda chain V-II region NIG-84'
2 non-polymer 'CHLORIDE ION'
3 non-polymer 'SULFATE ION'
4 non-polymer 1,2-ETHANEDIOL
5 non-polymer DI(HYDROXYETHYL)ETHER
6 water water
#
_entity_poly.entity_id   1
_entity_poly.type   'polypeptide(L)'
_entity_poly.pdbx_seq_one_letter_code
;QVQLVQSGAEVKKPGSSVKVSCKASGGTFSSYAISWVRQAPGQGLEWMGGIIPIFGTANYAQKFQGRVTITADESTSTAY
MELSSLRSEDTAVYYCAREPDYYDSSGYYPIDAFDIWGQGTTVTVSSGGGGSGGGGSGGGGSQSALTQPASVSASPGQSI
TISCTGTSSDVGAYDWVSWYQQHPGKAPKLLIFDVNNRPSGVSHRFSGSKSGNTASLTISGLQAEDEADYYCASATLLDT
YVFGTGTKVTVLGDQEPKSSDKTH
;
_entity_poly.pdbx_strand_id   H,J
#
loop_
_chem_comp.id
_chem_comp.type
_chem_comp.name
_chem_comp.formula
CL non-polymer 'CHLORIDE ION' 'Cl -1'
EDO non-polymer 1,2-ETHANEDIOL 'C2 H6 O2'
PEG non-polymer DI(HYDROXYETHYL)ETHER 'C4 H10 O3'
SO4 non-polymer 'SULFATE ION' 'O4 S -2'
#
# COMPACT_ATOMS: atom_id res chain seq x y z
N GLN A 1 7.20 2.97 30.07
CA GLN A 1 7.10 3.09 28.62
C GLN A 1 5.76 3.72 28.20
N VAL A 2 5.82 4.79 27.43
CA VAL A 2 4.63 5.49 26.96
C VAL A 2 3.97 4.64 25.88
N GLN A 3 2.63 4.60 25.87
CA GLN A 3 1.87 3.88 24.84
C GLN A 3 0.87 4.85 24.25
N LEU A 4 0.59 4.72 22.95
CA LEU A 4 -0.39 5.56 22.26
C LEU A 4 -1.56 4.68 21.91
N VAL A 5 -2.78 5.03 22.34
CA VAL A 5 -3.96 4.22 22.08
C VAL A 5 -4.96 5.06 21.31
N GLN A 6 -5.36 4.55 20.12
CA GLN A 6 -6.28 5.29 19.25
C GLN A 6 -7.72 4.84 19.34
N SER A 7 -8.64 5.69 18.87
CA SER A 7 -10.06 5.36 18.78
C SER A 7 -10.31 4.30 17.68
N GLY A 8 -11.51 3.72 17.69
CA GLY A 8 -11.84 2.61 16.81
C GLY A 8 -12.13 2.94 15.36
N ALA A 9 -12.35 1.88 14.57
CA ALA A 9 -12.64 2.00 13.14
C ALA A 9 -13.81 2.93 12.83
N GLU A 10 -13.70 3.66 11.72
CA GLU A 10 -14.76 4.60 11.28
C GLU A 10 -15.18 4.26 9.85
N VAL A 11 -16.51 4.23 9.59
CA VAL A 11 -17.08 3.98 8.28
C VAL A 11 -17.87 5.24 7.97
N LYS A 12 -17.40 5.98 6.97
CA LYS A 12 -17.90 7.33 6.66
C LYS A 12 -18.38 7.49 5.24
N LYS A 13 -19.34 8.41 5.04
CA LYS A 13 -19.85 8.68 3.70
C LYS A 13 -18.97 9.76 3.04
N PRO A 14 -18.87 9.78 1.69
CA PRO A 14 -18.10 10.87 1.04
C PRO A 14 -18.68 12.25 1.41
N GLY A 15 -17.79 13.19 1.66
CA GLY A 15 -18.15 14.56 2.03
C GLY A 15 -18.28 14.81 3.52
N SER A 16 -18.32 13.73 4.32
CA SER A 16 -18.41 13.83 5.78
C SER A 16 -17.03 14.14 6.41
N SER A 17 -16.99 14.31 7.75
CA SER A 17 -15.78 14.58 8.50
C SER A 17 -15.57 13.47 9.50
N VAL A 18 -14.31 13.26 9.90
CA VAL A 18 -14.00 12.24 10.89
C VAL A 18 -13.00 12.84 11.88
N LYS A 19 -13.14 12.46 13.15
CA LYS A 19 -12.19 12.89 14.17
C LYS A 19 -11.67 11.66 14.92
N VAL A 20 -10.35 11.44 14.87
CA VAL A 20 -9.69 10.29 15.49
C VAL A 20 -8.89 10.79 16.69
N SER A 21 -8.91 10.02 17.80
CA SER A 21 -8.13 10.41 18.99
C SER A 21 -6.94 9.50 19.19
N CYS A 22 -5.97 10.00 19.95
CA CYS A 22 -4.70 9.34 20.26
C CYS A 22 -4.40 9.68 21.72
N LYS A 23 -4.61 8.74 22.64
CA LYS A 23 -4.35 8.98 24.07
C LYS A 23 -2.96 8.46 24.42
N ALA A 24 -2.12 9.32 25.04
CA ALA A 24 -0.78 8.92 25.45
C ALA A 24 -0.82 8.59 26.93
N SER A 25 -0.34 7.41 27.31
CA SER A 25 -0.28 7.04 28.73
C SER A 25 1.05 6.41 29.09
N GLY A 26 1.38 6.36 30.39
CA GLY A 26 2.57 5.64 30.85
C GLY A 26 3.90 6.35 31.03
N GLY A 27 3.91 7.66 30.85
CA GLY A 27 5.11 8.47 31.04
C GLY A 27 4.91 9.45 32.19
N THR A 28 5.80 10.45 32.30
CA THR A 28 5.74 11.44 33.38
C THR A 28 5.00 12.70 32.90
N PHE A 29 5.00 12.96 31.58
CA PHE A 29 4.41 14.15 30.99
C PHE A 29 3.12 13.85 30.20
N SER A 30 2.41 14.94 29.81
CA SER A 30 1.14 14.85 29.09
CA SER A 30 1.14 14.84 29.08
C SER A 30 1.10 15.76 27.87
N SER A 31 2.26 16.20 27.37
CA SER A 31 2.28 17.14 26.24
C SER A 31 3.20 16.67 25.13
N TYR A 32 3.18 15.38 24.80
CA TYR A 32 4.10 14.90 23.78
C TYR A 32 3.78 15.43 22.39
N ALA A 33 4.82 15.72 21.60
CA ALA A 33 4.67 16.11 20.19
C ALA A 33 4.14 14.90 19.44
N ILE A 34 3.05 15.08 18.70
CA ILE A 34 2.40 13.97 17.99
C ILE A 34 2.25 14.32 16.53
N SER A 35 2.61 13.37 15.63
CA SER A 35 2.33 13.55 14.21
C SER A 35 1.26 12.50 13.84
N TRP A 36 0.57 12.77 12.72
CA TRP A 36 -0.42 11.81 12.16
C TRP A 36 0.12 11.38 10.81
N VAL A 37 0.15 10.08 10.57
CA VAL A 37 0.71 9.46 9.38
C VAL A 37 -0.32 8.44 8.88
N ARG A 38 -0.63 8.48 7.58
CA ARG A 38 -1.58 7.51 7.08
C ARG A 38 -0.95 6.50 6.14
N GLN A 39 -1.64 5.39 5.98
CA GLN A 39 -1.18 4.33 5.11
C GLN A 39 -2.38 3.82 4.36
N ALA A 40 -2.52 4.28 3.12
CA ALA A 40 -3.64 3.85 2.29
C ALA A 40 -3.35 2.52 1.59
N PRO A 41 -4.40 1.79 1.18
CA PRO A 41 -4.19 0.59 0.36
C PRO A 41 -3.34 0.92 -0.86
N GLY A 42 -2.31 0.13 -1.11
CA GLY A 42 -1.45 0.36 -2.27
C GLY A 42 -0.48 1.51 -2.14
N GLN A 43 -0.39 2.12 -0.94
CA GLN A 43 0.49 3.25 -0.72
C GLN A 43 1.37 3.04 0.51
N GLY A 44 2.47 3.76 0.56
CA GLY A 44 3.33 3.70 1.73
C GLY A 44 2.86 4.69 2.78
N LEU A 45 3.62 4.79 3.85
CA LEU A 45 3.36 5.78 4.91
C LEU A 45 3.40 7.20 4.35
N GLU A 46 2.47 8.07 4.81
CA GLU A 46 2.38 9.43 4.31
C GLU A 46 2.15 10.37 5.50
N TRP A 47 3.10 11.27 5.75
CA TRP A 47 3.00 12.22 6.85
C TRP A 47 1.92 13.27 6.55
N MET A 48 1.02 13.49 7.50
CA MET A 48 -0.05 14.48 7.27
C MET A 48 0.23 15.83 7.95
N GLY A 49 0.75 15.76 9.17
CA GLY A 49 1.01 16.96 9.95
C GLY A 49 1.33 16.58 11.38
N GLY A 50 1.63 17.57 12.21
CA GLY A 50 1.92 17.28 13.62
C GLY A 50 1.68 18.48 14.49
N ILE A 51 1.72 18.26 15.78
CA ILE A 51 1.53 19.34 16.76
C ILE A 51 2.55 19.25 17.88
N ILE A 52 2.94 20.40 18.45
CA ILE A 52 3.78 20.44 19.66
C ILE A 52 2.83 21.09 20.69
N PRO A 53 2.17 20.27 21.54
CA PRO A 53 1.15 20.80 22.44
C PRO A 53 1.58 21.89 23.40
N ILE A 54 2.81 21.79 23.93
CA ILE A 54 3.24 22.77 24.93
C ILE A 54 3.37 24.18 24.33
N PHE A 55 3.56 24.26 22.98
CA PHE A 55 3.71 25.53 22.27
C PHE A 55 2.48 25.93 21.48
N GLY A 56 1.56 24.98 21.31
CA GLY A 56 0.37 25.15 20.48
C GLY A 56 0.69 25.30 19.00
N THR A 57 1.83 24.74 18.53
CA THR A 57 2.22 24.89 17.13
C THR A 57 1.76 23.68 16.34
N ALA A 58 1.11 23.89 15.20
CA ALA A 58 0.73 22.79 14.32
C ALA A 58 1.26 23.05 12.92
N ASN A 59 1.71 21.98 12.27
CA ASN A 59 2.32 22.06 10.95
C ASN A 59 1.70 20.97 10.07
N TYR A 60 1.45 21.26 8.79
CA TYR A 60 0.80 20.32 7.91
C TYR A 60 1.52 20.18 6.58
N ALA A 61 1.34 19.02 5.93
CA ALA A 61 1.85 18.79 4.57
C ALA A 61 0.92 19.60 3.66
N GLN A 62 1.47 20.20 2.58
CA GLN A 62 0.68 21.01 1.64
C GLN A 62 -0.56 20.26 1.14
N LYS A 63 -0.43 18.94 0.89
CA LYS A 63 -1.52 18.06 0.43
C LYS A 63 -2.75 18.09 1.37
N PHE A 64 -2.54 18.39 2.67
CA PHE A 64 -3.60 18.38 3.69
C PHE A 64 -4.04 19.71 4.29
N GLN A 65 -3.29 20.80 4.01
CA GLN A 65 -3.61 22.14 4.51
CA GLN A 65 -3.62 22.14 4.52
C GLN A 65 -5.06 22.53 4.11
N GLY A 66 -5.84 22.98 5.10
CA GLY A 66 -7.22 23.37 4.87
C GLY A 66 -8.26 22.25 4.89
N ARG A 67 -7.78 20.99 5.02
CA ARG A 67 -8.59 19.76 5.07
C ARG A 67 -8.39 19.03 6.41
N VAL A 68 -7.20 19.17 7.00
CA VAL A 68 -6.88 18.51 8.26
CA VAL A 68 -6.82 18.50 8.26
C VAL A 68 -6.62 19.51 9.38
N THR A 69 -7.08 19.18 10.59
CA THR A 69 -6.88 19.98 11.80
C THR A 69 -6.38 19.02 12.86
N ILE A 70 -5.21 19.32 13.43
CA ILE A 70 -4.63 18.51 14.50
C ILE A 70 -4.64 19.35 15.76
N THR A 71 -5.18 18.79 16.84
CA THR A 71 -5.32 19.47 18.13
C THR A 71 -4.86 18.56 19.26
N ALA A 72 -4.64 19.14 20.45
CA ALA A 72 -4.25 18.35 21.61
C ALA A 72 -4.87 18.92 22.86
N ASP A 73 -5.16 18.03 23.82
CA ASP A 73 -5.67 18.38 25.13
C ASP A 73 -4.65 17.88 26.14
N GLU A 74 -3.80 18.77 26.66
CA GLU A 74 -2.78 18.36 27.64
C GLU A 74 -3.39 17.81 28.92
N SER A 75 -4.59 18.27 29.32
CA SER A 75 -5.20 17.81 30.58
C SER A 75 -5.59 16.32 30.55
N THR A 76 -5.78 15.74 29.35
CA THR A 76 -6.13 14.33 29.19
C THR A 76 -5.04 13.58 28.39
N SER A 77 -3.92 14.26 28.04
CA SER A 77 -2.81 13.70 27.26
C SER A 77 -3.36 13.03 25.99
N THR A 78 -4.27 13.72 25.29
CA THR A 78 -4.87 13.19 24.06
C THR A 78 -4.67 14.14 22.90
N ALA A 79 -4.27 13.60 21.72
CA ALA A 79 -4.17 14.39 20.51
C ALA A 79 -5.27 13.94 19.56
N TYR A 80 -5.67 14.82 18.64
CA TYR A 80 -6.75 14.50 17.73
C TYR A 80 -6.43 14.91 16.34
N MET A 81 -7.03 14.21 15.38
N MET A 81 -6.99 14.20 15.36
CA MET A 81 -6.89 14.52 13.98
CA MET A 81 -6.88 14.58 13.96
C MET A 81 -8.31 14.59 13.42
C MET A 81 -8.28 14.58 13.36
N GLU A 82 -8.68 15.74 12.80
CA GLU A 82 -9.97 15.88 12.15
C GLU A 82 -9.74 16.04 10.65
N LEU A 83 -10.35 15.17 9.84
CA LEU A 83 -10.20 15.23 8.38
C LEU A 83 -11.57 15.50 7.81
N SER A 84 -11.71 16.57 7.04
CA SER A 84 -12.99 16.96 6.47
C SER A 84 -13.07 16.68 4.98
N SER A 85 -14.29 16.85 4.41
CA SER A 85 -14.58 16.60 2.98
C SER A 85 -13.99 15.26 2.52
N LEU A 86 -14.35 14.19 3.24
CA LEU A 86 -13.79 12.86 2.95
C LEU A 86 -14.09 12.37 1.56
N ARG A 87 -13.08 11.74 0.96
CA ARG A 87 -13.22 11.15 -0.37
C ARG A 87 -12.67 9.76 -0.39
N SER A 88 -12.96 8.99 -1.46
CA SER A 88 -12.49 7.61 -1.55
CA SER A 88 -12.50 7.62 -1.59
C SER A 88 -10.99 7.45 -1.33
N GLU A 89 -10.16 8.41 -1.80
CA GLU A 89 -8.70 8.35 -1.59
C GLU A 89 -8.25 8.49 -0.12
N ASP A 90 -9.19 8.85 0.77
CA ASP A 90 -8.90 9.00 2.20
C ASP A 90 -9.07 7.66 2.96
N THR A 91 -9.59 6.61 2.29
CA THR A 91 -9.69 5.30 2.94
C THR A 91 -8.25 4.85 3.23
N ALA A 92 -7.95 4.64 4.51
CA ALA A 92 -6.59 4.32 4.93
C ALA A 92 -6.55 3.98 6.40
N VAL A 93 -5.42 3.46 6.88
CA VAL A 93 -5.15 3.30 8.29
C VAL A 93 -4.40 4.57 8.72
N TYR A 94 -4.90 5.24 9.73
CA TYR A 94 -4.30 6.46 10.24
C TYR A 94 -3.61 6.15 11.53
N TYR A 95 -2.32 6.54 11.64
CA TYR A 95 -1.55 6.33 12.86
C TYR A 95 -1.20 7.64 13.50
N CYS A 96 -1.16 7.65 14.83
CA CYS A 96 -0.52 8.75 15.52
C CYS A 96 0.87 8.25 15.95
N ALA A 97 1.83 9.15 16.03
CA ALA A 97 3.19 8.75 16.39
C ALA A 97 3.83 9.90 17.15
N ARG A 98 4.61 9.55 18.15
CA ARG A 98 5.28 10.57 18.95
C ARG A 98 6.63 10.94 18.37
N GLU A 99 6.96 12.26 18.40
CA GLU A 99 8.31 12.76 18.07
C GLU A 99 8.95 13.05 19.45
N PRO A 100 10.03 12.34 19.80
CA PRO A 100 10.55 12.39 21.18
C PRO A 100 11.45 13.57 21.49
N ASP A 101 10.91 14.76 21.27
CA ASP A 101 11.62 16.00 21.58
C ASP A 101 11.90 16.11 23.08
N TYR A 102 13.06 16.71 23.41
CA TYR A 102 13.53 16.92 24.79
CA TYR A 102 13.48 16.93 24.79
C TYR A 102 13.51 18.41 25.14
N TYR A 103 13.23 18.75 26.43
CA TYR A 103 13.22 20.15 26.85
C TYR A 103 13.95 20.23 28.15
N ASP A 104 14.68 21.32 28.39
CA ASP A 104 15.27 21.52 29.71
C ASP A 104 15.40 23.02 29.97
N SER A 105 16.14 23.45 30.98
CA SER A 105 16.25 24.90 31.24
C SER A 105 16.89 25.69 30.08
N SER A 106 17.61 25.00 29.20
CA SER A 106 18.33 25.65 28.11
C SER A 106 17.60 25.76 26.80
N GLY A 107 16.46 25.08 26.68
CA GLY A 107 15.72 25.17 25.44
C GLY A 107 14.99 23.91 25.04
N TYR A 108 14.66 23.89 23.74
CA TYR A 108 13.93 22.80 23.11
CA TYR A 108 13.91 22.83 23.04
C TYR A 108 14.85 22.08 22.13
N TYR A 109 14.85 20.73 22.22
CA TYR A 109 15.76 19.90 21.45
C TYR A 109 14.99 18.83 20.71
N PRO A 110 14.55 19.15 19.49
CA PRO A 110 13.75 18.16 18.75
C PRO A 110 14.52 16.93 18.31
N ILE A 111 13.79 15.80 18.20
CA ILE A 111 14.30 14.56 17.60
C ILE A 111 13.30 14.32 16.46
N ASP A 112 13.82 14.40 15.22
CA ASP A 112 12.96 14.29 14.07
C ASP A 112 12.81 12.83 13.65
N ALA A 113 12.01 12.09 14.45
CA ALA A 113 11.76 10.68 14.20
C ALA A 113 10.52 10.31 15.01
N PHE A 114 9.92 9.15 14.72
CA PHE A 114 8.65 8.73 15.36
C PHE A 114 8.95 7.50 16.22
N ASP A 115 9.11 7.71 17.54
CA ASP A 115 9.61 6.61 18.38
C ASP A 115 8.59 5.63 18.91
N ILE A 116 7.34 6.07 19.04
CA ILE A 116 6.25 5.22 19.44
CA ILE A 116 6.22 5.28 19.52
C ILE A 116 5.05 5.53 18.57
N TRP A 117 4.33 4.47 18.18
CA TRP A 117 3.20 4.59 17.28
C TRP A 117 1.95 3.99 17.91
N GLY A 118 0.81 4.59 17.59
CA GLY A 118 -0.49 4.05 18.00
C GLY A 118 -0.79 2.80 17.18
N GLN A 119 -1.87 2.09 17.52
CA GLN A 119 -2.17 0.83 16.84
C GLN A 119 -2.81 1.01 15.47
N GLY A 120 -3.17 2.25 15.13
CA GLY A 120 -3.82 2.57 13.87
C GLY A 120 -5.33 2.57 13.98
N THR A 121 -5.97 3.41 13.16
CA THR A 121 -7.43 3.52 13.07
C THR A 121 -7.79 3.46 11.59
N THR A 122 -8.61 2.47 11.19
CA THR A 122 -9.02 2.45 9.80
C THR A 122 -10.15 3.43 9.63
N VAL A 123 -10.06 4.27 8.60
CA VAL A 123 -11.16 5.13 8.19
C VAL A 123 -11.51 4.67 6.79
N THR A 124 -12.75 4.22 6.58
CA THR A 124 -13.14 3.80 5.23
C THR A 124 -14.22 4.71 4.72
N VAL A 125 -14.06 5.17 3.48
CA VAL A 125 -15.03 6.08 2.87
C VAL A 125 -15.90 5.26 1.90
N SER A 126 -17.24 5.26 2.12
CA SER A 126 -18.31 4.58 1.37
C SER A 126 -18.20 4.66 -0.16
N SER A 127 -18.68 3.58 -0.86
CA SER A 127 -18.75 3.36 -2.32
C SER A 127 -17.66 3.98 -3.20
N GLN A 143 5.69 16.41 -0.98
CA GLN A 143 6.57 16.25 -2.12
C GLN A 143 6.63 14.78 -2.58
N SER A 144 7.64 14.43 -3.42
CA SER A 144 7.85 13.07 -3.89
C SER A 144 8.38 12.19 -2.74
N ALA A 145 7.95 10.94 -2.72
CA ALA A 145 8.43 9.98 -1.73
C ALA A 145 9.92 9.69 -1.98
N LEU A 146 10.63 9.27 -0.95
CA LEU A 146 12.03 8.82 -1.09
C LEU A 146 12.00 7.44 -1.80
N THR A 147 12.93 7.19 -2.71
CA THR A 147 12.86 5.94 -3.46
C THR A 147 13.60 4.83 -2.76
N GLN A 148 12.93 3.70 -2.61
CA GLN A 148 13.53 2.49 -2.03
C GLN A 148 13.30 1.33 -3.01
N PRO A 149 14.17 0.30 -3.00
CA PRO A 149 13.88 -0.89 -3.84
C PRO A 149 12.59 -1.55 -3.33
N ALA A 150 11.81 -2.13 -4.23
CA ALA A 150 10.56 -2.75 -3.78
C ALA A 150 10.74 -3.95 -2.88
N SER A 151 11.73 -4.83 -3.20
CA SER A 151 11.89 -6.06 -2.44
CA SER A 151 11.87 -6.09 -2.48
C SER A 151 13.34 -6.47 -2.37
N VAL A 152 13.69 -7.12 -1.28
CA VAL A 152 15.05 -7.65 -1.11
CA VAL A 152 15.06 -7.61 -1.02
C VAL A 152 14.91 -9.01 -0.45
N SER A 153 15.82 -9.93 -0.81
CA SER A 153 15.73 -11.23 -0.18
C SER A 153 17.16 -11.70 0.10
N ALA A 154 17.32 -12.43 1.19
CA ALA A 154 18.60 -13.06 1.53
C ALA A 154 18.31 -14.20 2.50
N SER A 155 19.36 -14.94 2.87
CA SER A 155 19.19 -16.11 3.70
C SER A 155 19.58 -15.84 5.14
N PRO A 156 19.15 -16.69 6.09
CA PRO A 156 19.50 -16.45 7.50
C PRO A 156 20.98 -16.27 7.77
N GLY A 157 21.28 -15.27 8.58
CA GLY A 157 22.66 -14.99 8.98
C GLY A 157 23.39 -14.09 8.02
N GLN A 158 22.82 -13.81 6.85
CA GLN A 158 23.45 -12.90 5.88
C GLN A 158 23.12 -11.45 6.24
N SER A 159 23.74 -10.51 5.52
CA SER A 159 23.47 -9.08 5.72
CA SER A 159 23.52 -9.08 5.71
C SER A 159 22.85 -8.52 4.46
N ILE A 160 21.92 -7.58 4.63
CA ILE A 160 21.30 -6.93 3.49
C ILE A 160 21.37 -5.44 3.73
N THR A 161 21.51 -4.66 2.66
CA THR A 161 21.53 -3.19 2.74
C THR A 161 20.43 -2.65 1.82
N ILE A 162 19.54 -1.83 2.41
CA ILE A 162 18.39 -1.23 1.74
C ILE A 162 18.68 0.25 1.54
N SER A 163 18.58 0.72 0.31
CA SER A 163 18.83 2.14 -0.01
C SER A 163 17.58 3.01 0.08
N CYS A 164 17.81 4.31 0.24
CA CYS A 164 16.73 5.30 0.38
C CYS A 164 17.29 6.54 -0.31
N THR A 165 16.81 6.85 -1.53
CA THR A 165 17.35 7.99 -2.29
CA THR A 165 17.35 8.01 -2.25
C THR A 165 16.40 9.21 -2.22
N GLY A 166 16.95 10.34 -1.80
CA GLY A 166 16.19 11.57 -1.73
C GLY A 166 16.84 12.68 -2.52
N THR A 167 16.74 13.90 -1.97
CA THR A 167 17.27 15.09 -2.61
C THR A 167 18.06 15.91 -1.57
N SER A 168 18.69 16.99 -2.01
CA SER A 168 19.44 17.87 -1.12
C SER A 168 18.54 18.61 -0.13
N SER A 169 17.19 18.58 -0.32
CA SER A 169 16.23 19.24 0.56
CA SER A 169 16.25 19.24 0.57
C SER A 169 15.70 18.29 1.63
N ASP A 170 16.09 17.01 1.59
CA ASP A 170 15.63 16.05 2.58
C ASP A 170 16.79 15.21 3.05
N VAL A 171 16.99 14.01 2.51
CA VAL A 171 18.08 13.12 2.96
C VAL A 171 19.44 13.82 2.95
N GLY A 172 19.71 14.56 1.88
CA GLY A 172 21.01 15.18 1.71
C GLY A 172 21.25 16.45 2.50
N ALA A 173 20.21 16.98 3.19
CA ALA A 173 20.35 18.25 3.90
C ALA A 173 21.10 18.10 5.21
N TYR A 174 20.56 17.27 6.13
CA TYR A 174 21.08 17.11 7.49
C TYR A 174 20.91 15.66 7.95
N ASP A 175 21.43 15.36 9.16
CA ASP A 175 21.38 13.98 9.70
C ASP A 175 20.06 13.74 10.44
N TRP A 176 18.96 13.83 9.67
CA TRP A 176 17.61 13.72 10.19
C TRP A 176 16.81 12.64 9.46
N VAL A 177 17.53 11.55 9.14
CA VAL A 177 16.96 10.39 8.48
C VAL A 177 16.65 9.30 9.52
N SER A 178 15.48 8.65 9.40
CA SER A 178 15.12 7.60 10.34
C SER A 178 14.60 6.38 9.57
N TRP A 179 14.55 5.23 10.23
CA TRP A 179 14.10 3.98 9.60
C TRP A 179 13.15 3.27 10.51
N TYR A 180 12.20 2.54 9.89
CA TYR A 180 11.11 1.86 10.57
C TYR A 180 10.92 0.48 10.02
N GLN A 181 10.55 -0.46 10.92
CA GLN A 181 10.16 -1.81 10.57
C GLN A 181 8.65 -1.89 10.74
N GLN A 182 7.95 -2.52 9.79
CA GLN A 182 6.51 -2.69 9.95
C GLN A 182 6.12 -4.10 9.52
N HIS A 183 5.62 -4.90 10.46
CA HIS A 183 5.06 -6.21 10.09
C HIS A 183 3.65 -5.92 9.49
N PRO A 184 3.19 -6.59 8.39
CA PRO A 184 1.88 -6.25 7.81
CA PRO A 184 1.87 -6.28 7.80
C PRO A 184 0.71 -6.24 8.81
N GLY A 185 -0.06 -5.19 8.76
CA GLY A 185 -1.21 -5.00 9.64
C GLY A 185 -0.88 -4.50 11.03
N LYS A 186 0.43 -4.34 11.35
CA LYS A 186 0.90 -3.86 12.66
C LYS A 186 1.44 -2.49 12.58
N ALA A 187 1.57 -1.80 13.72
CA ALA A 187 2.14 -0.47 13.72
C ALA A 187 3.66 -0.51 13.44
N PRO A 188 4.19 0.53 12.78
CA PRO A 188 5.66 0.60 12.59
C PRO A 188 6.40 0.70 13.92
N LYS A 189 7.69 0.33 13.87
CA LYS A 189 8.60 0.39 15.02
C LYS A 189 9.86 1.14 14.57
N LEU A 190 10.31 2.10 15.37
CA LEU A 190 11.54 2.83 15.04
C LEU A 190 12.78 1.95 15.22
N LEU A 191 13.65 1.94 14.19
CA LEU A 191 14.90 1.20 14.25
C LEU A 191 16.11 2.12 14.40
N ILE A 192 16.09 3.24 13.63
CA ILE A 192 17.24 4.15 13.56
C ILE A 192 16.72 5.57 13.52
N PHE A 193 17.41 6.49 14.20
CA PHE A 193 17.07 7.90 14.08
C PHE A 193 18.36 8.67 13.92
N ASP A 194 18.27 9.88 13.36
CA ASP A 194 19.43 10.75 13.16
C ASP A 194 20.56 10.01 12.41
N VAL A 195 20.14 9.30 11.35
CA VAL A 195 21.01 8.54 10.43
C VAL A 195 21.52 7.22 10.99
N ASN A 196 22.09 7.21 12.20
CA ASN A 196 22.76 6.00 12.67
C ASN A 196 22.57 5.69 14.15
N ASN A 197 21.63 6.37 14.83
CA ASN A 197 21.42 6.06 16.25
C ASN A 197 20.35 5.01 16.44
N ARG A 198 20.59 4.06 17.34
CA ARG A 198 19.62 3.02 17.63
C ARG A 198 18.92 3.31 18.94
N PRO A 199 17.57 3.24 18.99
CA PRO A 199 16.88 3.38 20.29
C PRO A 199 17.27 2.20 21.20
N SER A 200 17.11 2.38 22.52
CA SER A 200 17.35 1.28 23.43
C SER A 200 16.37 0.15 23.09
N GLY A 201 16.84 -1.08 23.12
CA GLY A 201 15.98 -2.21 22.78
C GLY A 201 16.14 -2.70 21.36
N VAL A 202 16.73 -1.88 20.46
CA VAL A 202 16.95 -2.31 19.07
C VAL A 202 18.36 -2.88 18.97
N SER A 203 18.52 -4.10 18.40
CA SER A 203 19.84 -4.73 18.23
CA SER A 203 19.86 -4.68 18.28
C SER A 203 20.76 -3.90 17.35
N HIS A 204 22.08 -3.90 17.66
CA HIS A 204 23.05 -3.20 16.83
C HIS A 204 23.30 -3.97 15.51
N ARG A 205 22.52 -5.08 15.29
CA ARG A 205 22.40 -5.84 14.01
C ARG A 205 21.85 -4.83 12.98
N PHE A 206 21.04 -3.84 13.45
CA PHE A 206 20.46 -2.82 12.57
C PHE A 206 21.36 -1.60 12.62
N SER A 207 21.82 -1.14 11.45
CA SER A 207 22.68 0.02 11.39
C SER A 207 22.29 0.91 10.25
N GLY A 208 22.54 2.19 10.41
CA GLY A 208 22.19 3.12 9.36
C GLY A 208 23.37 3.98 8.93
N SER A 209 23.30 4.46 7.69
CA SER A 209 24.33 5.35 7.17
CA SER A 209 24.35 5.31 7.14
C SER A 209 23.76 6.25 6.10
N LYS A 210 24.61 7.16 5.59
CA LYS A 210 24.21 7.98 4.47
CA LYS A 210 24.20 8.11 4.57
C LYS A 210 25.42 8.59 3.81
N SER A 211 25.26 8.92 2.52
CA SER A 211 26.27 9.57 1.72
C SER A 211 25.49 10.45 0.74
N GLY A 212 25.85 11.71 0.60
CA GLY A 212 25.14 12.59 -0.33
C GLY A 212 23.65 12.59 -0.07
N ASN A 213 22.85 12.27 -1.10
CA ASN A 213 21.39 12.22 -0.98
C ASN A 213 20.87 10.80 -0.79
N THR A 214 21.76 9.84 -0.43
CA THR A 214 21.37 8.45 -0.30
C THR A 214 21.58 7.94 1.10
N ALA A 215 20.52 7.43 1.73
CA ALA A 215 20.65 6.80 3.05
C ALA A 215 20.57 5.29 2.90
N SER A 216 21.04 4.56 3.91
CA SER A 216 20.94 3.11 3.86
C SER A 216 20.70 2.52 5.22
N LEU A 217 20.02 1.36 5.22
CA LEU A 217 19.80 0.57 6.42
C LEU A 217 20.45 -0.78 6.16
N THR A 218 21.30 -1.24 7.08
CA THR A 218 21.88 -2.58 6.94
C THR A 218 21.33 -3.45 8.05
N ILE A 219 20.79 -4.63 7.68
CA ILE A 219 20.34 -5.61 8.66
C ILE A 219 21.33 -6.75 8.59
N SER A 220 22.10 -6.96 9.66
CA SER A 220 23.07 -8.05 9.72
C SER A 220 22.46 -9.21 10.51
N GLY A 221 23.05 -10.41 10.37
CA GLY A 221 22.57 -11.59 11.08
C GLY A 221 21.09 -11.81 10.84
N LEU A 222 20.67 -11.72 9.56
CA LEU A 222 19.26 -11.84 9.19
C LEU A 222 18.57 -13.03 9.86
N GLN A 223 17.41 -12.76 10.44
CA GLN A 223 16.61 -13.76 11.15
C GLN A 223 15.25 -13.82 10.47
N ALA A 224 14.56 -14.97 10.60
CA ALA A 224 13.20 -15.13 10.03
C ALA A 224 12.24 -14.02 10.51
N GLU A 225 12.37 -13.57 11.79
CA GLU A 225 11.54 -12.50 12.36
C GLU A 225 11.73 -11.15 11.68
N ASP A 226 12.83 -10.98 10.90
CA ASP A 226 13.10 -9.73 10.19
C ASP A 226 12.25 -9.57 8.93
N GLU A 227 11.52 -10.62 8.52
CA GLU A 227 10.63 -10.53 7.36
CA GLU A 227 10.65 -10.57 7.36
C GLU A 227 9.56 -9.54 7.71
N ALA A 228 9.56 -8.43 6.99
CA ALA A 228 8.66 -7.31 7.25
C ALA A 228 8.91 -6.25 6.16
N ASP A 229 8.18 -5.13 6.24
CA ASP A 229 8.41 -4.00 5.34
C ASP A 229 9.24 -2.98 6.11
N TYR A 230 10.11 -2.27 5.40
CA TYR A 230 11.01 -1.29 6.01
C TYR A 230 10.87 0.02 5.30
N TYR A 231 10.71 1.11 6.07
CA TYR A 231 10.59 2.45 5.47
C TYR A 231 11.66 3.38 5.99
N CYS A 232 12.19 4.22 5.11
CA CYS A 232 13.00 5.33 5.58
C CYS A 232 12.09 6.56 5.69
N ALA A 233 12.57 7.60 6.38
CA ALA A 233 11.88 8.89 6.44
C ALA A 233 12.93 9.93 6.62
N SER A 234 12.60 11.16 6.21
CA SER A 234 13.50 12.28 6.45
C SER A 234 12.69 13.51 6.74
N ALA A 235 13.23 14.38 7.63
CA ALA A 235 12.68 15.74 7.75
C ALA A 235 13.14 16.50 6.49
N THR A 236 12.57 17.70 6.25
CA THR A 236 12.91 18.45 5.06
C THR A 236 13.13 19.92 5.35
N LEU A 237 13.69 20.60 4.34
CA LEU A 237 13.88 22.05 4.38
C LEU A 237 12.55 22.81 4.29
N LEU A 238 11.44 22.09 4.02
CA LEU A 238 10.11 22.71 3.98
C LEU A 238 9.37 22.53 5.32
N ASP A 239 10.09 22.04 6.38
CA ASP A 239 9.57 21.77 7.73
CA ASP A 239 9.51 21.78 7.71
C ASP A 239 8.44 20.72 7.64
N THR A 240 8.71 19.66 6.87
CA THR A 240 7.77 18.57 6.73
C THR A 240 8.56 17.26 6.91
N TYR A 241 7.88 16.12 6.81
CA TYR A 241 8.54 14.81 6.73
C TYR A 241 8.09 14.18 5.44
N VAL A 242 9.00 13.41 4.87
CA VAL A 242 8.74 12.59 3.70
C VAL A 242 9.18 11.14 4.02
N PHE A 243 8.38 10.16 3.60
CA PHE A 243 8.68 8.76 3.77
C PHE A 243 9.15 8.14 2.47
N GLY A 244 9.88 7.05 2.60
CA GLY A 244 10.25 6.23 1.46
C GLY A 244 9.11 5.38 0.96
N THR A 245 9.32 4.78 -0.21
CA THR A 245 8.29 3.95 -0.84
C THR A 245 8.11 2.57 -0.19
N GLY A 246 9.05 2.16 0.67
CA GLY A 246 8.97 0.90 1.39
C GLY A 246 9.64 -0.24 0.70
N THR A 247 10.30 -1.11 1.48
CA THR A 247 10.98 -2.29 0.94
C THR A 247 10.49 -3.54 1.70
N LYS A 248 10.05 -4.56 0.98
CA LYS A 248 9.63 -5.80 1.62
C LYS A 248 10.88 -6.69 1.70
N VAL A 249 11.20 -7.20 2.91
CA VAL A 249 12.34 -8.12 3.08
C VAL A 249 11.78 -9.53 3.22
N THR A 250 12.29 -10.48 2.39
CA THR A 250 11.93 -11.90 2.49
C THR A 250 13.19 -12.63 2.94
N VAL A 251 13.05 -13.50 3.93
CA VAL A 251 14.18 -14.31 4.40
C VAL A 251 13.94 -15.71 3.82
N LEU A 252 14.87 -16.16 2.95
CA LEU A 252 14.80 -17.42 2.22
C LEU A 252 15.02 -18.66 3.10
N GLN B 1 -23.09 -1.20 -20.15
CA GLN B 1 -21.82 -1.72 -19.63
C GLN B 1 -22.00 -2.49 -18.33
N VAL B 2 -21.30 -3.61 -18.22
CA VAL B 2 -21.38 -4.44 -17.01
C VAL B 2 -20.74 -3.70 -15.85
N GLN B 3 -21.38 -3.76 -14.68
CA GLN B 3 -20.83 -3.20 -13.46
C GLN B 3 -20.82 -4.31 -12.42
N LEU B 4 -19.80 -4.27 -11.56
CA LEU B 4 -19.71 -5.19 -10.43
CA LEU B 4 -19.69 -5.21 -10.45
C LEU B 4 -19.94 -4.38 -9.18
N VAL B 5 -20.96 -4.76 -8.41
CA VAL B 5 -21.32 -4.03 -7.19
C VAL B 5 -21.10 -4.90 -5.98
N GLN B 6 -20.23 -4.46 -5.07
CA GLN B 6 -19.87 -5.23 -3.89
C GLN B 6 -20.62 -4.78 -2.65
N SER B 7 -20.63 -5.67 -1.66
CA SER B 7 -21.22 -5.42 -0.37
C SER B 7 -20.41 -4.38 0.45
N GLY B 8 -21.03 -3.87 1.52
CA GLY B 8 -20.45 -2.78 2.28
C GLY B 8 -19.31 -3.14 3.22
N ALA B 9 -18.71 -2.09 3.79
CA ALA B 9 -17.58 -2.23 4.73
C ALA B 9 -17.87 -3.18 5.88
N GLU B 10 -16.85 -3.92 6.31
CA GLU B 10 -16.94 -4.89 7.41
C GLU B 10 -15.90 -4.56 8.48
N VAL B 11 -16.32 -4.50 9.74
CA VAL B 11 -15.43 -4.28 10.89
C VAL B 11 -15.50 -5.57 11.70
N LYS B 12 -14.38 -6.32 11.74
CA LYS B 12 -14.33 -7.66 12.32
C LYS B 12 -13.30 -7.86 13.38
N LYS B 13 -13.55 -8.81 14.31
CA LYS B 13 -12.61 -9.13 15.36
C LYS B 13 -11.58 -10.15 14.86
N PRO B 14 -10.35 -10.16 15.41
CA PRO B 14 -9.39 -11.21 15.04
C PRO B 14 -9.99 -12.59 15.34
N GLY B 15 -9.75 -13.53 14.43
CA GLY B 15 -10.20 -14.90 14.53
C GLY B 15 -11.57 -15.17 13.93
N SER B 16 -12.33 -14.10 13.57
CA SER B 16 -13.65 -14.25 12.98
C SER B 16 -13.53 -14.54 11.50
N SER B 17 -14.68 -14.69 10.83
CA SER B 17 -14.75 -14.92 9.40
C SER B 17 -15.58 -13.81 8.75
N VAL B 18 -15.34 -13.56 7.46
CA VAL B 18 -16.09 -12.53 6.75
C VAL B 18 -16.52 -13.06 5.39
N LYS B 19 -17.66 -12.60 4.88
CA LYS B 19 -18.12 -12.96 3.55
C LYS B 19 -18.42 -11.67 2.83
N VAL B 20 -17.86 -11.51 1.63
CA VAL B 20 -18.07 -10.35 0.78
C VAL B 20 -18.77 -10.81 -0.50
N SER B 21 -19.70 -10.02 -1.01
CA SER B 21 -20.40 -10.39 -2.25
C SER B 21 -20.09 -9.44 -3.37
N CYS B 22 -20.33 -9.92 -4.60
CA CYS B 22 -20.04 -9.17 -5.83
C CYS B 22 -21.20 -9.50 -6.77
N LYS B 23 -22.07 -8.52 -7.06
CA LYS B 23 -23.19 -8.72 -7.99
C LYS B 23 -22.92 -8.08 -9.34
N ALA B 24 -23.07 -8.86 -10.41
CA ALA B 24 -22.85 -8.31 -11.76
C ALA B 24 -24.20 -7.82 -12.30
N SER B 25 -24.20 -6.63 -12.92
CA SER B 25 -25.40 -6.07 -13.56
C SER B 25 -25.00 -5.31 -14.81
N GLY B 26 -25.93 -5.03 -15.72
CA GLY B 26 -25.62 -4.26 -16.92
C GLY B 26 -25.29 -5.06 -18.15
N GLY B 27 -25.08 -6.36 -17.97
CA GLY B 27 -24.81 -7.28 -19.06
C GLY B 27 -26.04 -8.10 -19.31
N THR B 28 -25.95 -9.05 -20.25
CA THR B 28 -27.14 -9.85 -20.52
C THR B 28 -26.90 -11.33 -20.63
N PHE B 29 -25.80 -11.73 -21.31
CA PHE B 29 -25.57 -13.08 -21.79
C PHE B 29 -25.39 -14.21 -20.86
N SER B 30 -24.48 -14.08 -19.86
CA SER B 30 -24.20 -15.22 -18.98
CA SER B 30 -24.21 -15.21 -18.96
C SER B 30 -23.62 -14.76 -17.65
N SER B 31 -23.24 -15.75 -16.81
CA SER B 31 -22.57 -15.56 -15.54
C SER B 31 -21.14 -15.27 -15.98
N TYR B 32 -20.36 -14.59 -15.16
CA TYR B 32 -18.99 -14.29 -15.58
C TYR B 32 -17.97 -14.94 -14.68
N ALA B 33 -16.78 -15.20 -15.24
CA ALA B 33 -15.63 -15.70 -14.44
C ALA B 33 -15.15 -14.53 -13.58
N ILE B 34 -14.93 -14.77 -12.28
CA ILE B 34 -14.60 -13.71 -11.33
C ILE B 34 -13.38 -14.11 -10.53
N SER B 35 -12.48 -13.12 -10.31
CA SER B 35 -11.39 -13.32 -9.37
C SER B 35 -11.56 -12.34 -8.22
N TRP B 36 -10.94 -12.66 -7.09
CA TRP B 36 -10.92 -11.75 -5.93
C TRP B 36 -9.46 -11.34 -5.72
N VAL B 37 -9.24 -10.03 -5.57
CA VAL B 37 -7.90 -9.44 -5.48
C VAL B 37 -7.95 -8.45 -4.32
N ARG B 38 -7.00 -8.51 -3.41
CA ARG B 38 -7.07 -7.56 -2.31
C ARG B 38 -5.94 -6.55 -2.37
N GLN B 39 -6.12 -5.43 -1.66
CA GLN B 39 -5.08 -4.40 -1.62
C GLN B 39 -5.03 -3.88 -0.21
N ALA B 40 -4.03 -4.34 0.54
CA ALA B 40 -3.89 -3.93 1.92
C ALA B 40 -3.11 -2.63 2.04
N PRO B 41 -3.26 -1.90 3.16
CA PRO B 41 -2.43 -0.70 3.39
C PRO B 41 -0.94 -1.06 3.26
N GLY B 42 -0.21 -0.26 2.50
CA GLY B 42 1.22 -0.50 2.30
C GLY B 42 1.57 -1.67 1.40
N GLN B 43 0.55 -2.29 0.76
CA GLN B 43 0.80 -3.45 -0.09
C GLN B 43 0.22 -3.25 -1.48
N GLY B 44 0.74 -4.00 -2.42
CA GLY B 44 0.22 -3.95 -3.79
C GLY B 44 -0.97 -4.88 -3.94
N LEU B 45 -1.51 -4.92 -5.14
CA LEU B 45 -2.59 -5.85 -5.44
C LEU B 45 -2.15 -7.31 -5.22
N GLU B 46 -3.03 -8.14 -4.64
CA GLU B 46 -2.67 -9.53 -4.33
C GLU B 46 -3.83 -10.42 -4.75
N TRP B 47 -3.60 -11.29 -5.73
CA TRP B 47 -4.65 -12.17 -6.21
C TRP B 47 -4.89 -13.28 -5.20
N MET B 48 -6.17 -13.53 -4.89
CA MET B 48 -6.50 -14.55 -3.89
C MET B 48 -6.98 -15.84 -4.52
N GLY B 49 -7.88 -15.73 -5.48
CA GLY B 49 -8.45 -16.90 -6.13
C GLY B 49 -9.50 -16.48 -7.11
N GLY B 50 -10.08 -17.44 -7.81
CA GLY B 50 -11.12 -17.12 -8.77
C GLY B 50 -12.04 -18.31 -9.01
N ILE B 51 -13.11 -18.06 -9.76
CA ILE B 51 -14.08 -19.10 -10.08
C ILE B 51 -14.59 -18.91 -11.52
N ILE B 52 -14.95 -20.02 -12.17
CA ILE B 52 -15.61 -20.00 -13.46
C ILE B 52 -16.98 -20.67 -13.17
N PRO B 53 -18.01 -19.88 -12.87
CA PRO B 53 -19.32 -20.47 -12.49
C PRO B 53 -19.89 -21.48 -13.48
N ILE B 54 -19.81 -21.22 -14.79
CA ILE B 54 -20.45 -22.15 -15.73
C ILE B 54 -19.79 -23.55 -15.80
N PHE B 55 -18.50 -23.65 -15.38
CA PHE B 55 -17.77 -24.90 -15.36
C PHE B 55 -17.68 -25.49 -13.95
N GLY B 56 -17.96 -24.68 -12.92
CA GLY B 56 -17.84 -25.15 -11.54
C GLY B 56 -16.40 -25.41 -11.15
N THR B 57 -15.45 -24.62 -11.72
CA THR B 57 -14.05 -24.76 -11.37
C THR B 57 -13.58 -23.52 -10.62
N ALA B 58 -12.64 -23.72 -9.69
CA ALA B 58 -12.11 -22.59 -8.90
C ALA B 58 -10.62 -22.78 -8.72
N ASN B 59 -9.92 -21.67 -8.57
CA ASN B 59 -8.47 -21.72 -8.34
CA ASN B 59 -8.46 -21.69 -8.36
C ASN B 59 -8.12 -20.81 -7.19
N TYR B 60 -7.08 -21.17 -6.44
CA TYR B 60 -6.70 -20.40 -5.28
C TYR B 60 -5.20 -20.27 -5.18
N ALA B 61 -4.73 -19.13 -4.69
CA ALA B 61 -3.33 -18.93 -4.40
C ALA B 61 -2.95 -19.83 -3.22
N GLN B 62 -1.74 -20.42 -3.24
CA GLN B 62 -1.27 -21.32 -2.17
C GLN B 62 -1.36 -20.63 -0.78
N LYS B 63 -1.07 -19.33 -0.72
CA LYS B 63 -1.12 -18.51 0.51
C LYS B 63 -2.54 -18.52 1.15
N PHE B 64 -3.59 -18.68 0.33
CA PHE B 64 -4.97 -18.60 0.80
C PHE B 64 -5.76 -19.91 0.75
N GLN B 65 -5.21 -20.95 0.12
CA GLN B 65 -5.90 -22.25 0.01
C GLN B 65 -6.32 -22.72 1.44
N GLY B 66 -7.61 -23.08 1.57
CA GLY B 66 -8.15 -23.53 2.85
C GLY B 66 -8.70 -22.43 3.73
N ARG B 67 -8.16 -21.19 3.64
CA ARG B 67 -8.64 -20.05 4.43
C ARG B 67 -9.66 -19.22 3.61
N VAL B 68 -9.59 -19.31 2.28
CA VAL B 68 -10.51 -18.56 1.41
CA VAL B 68 -10.54 -18.58 1.43
C VAL B 68 -11.39 -19.56 0.67
N THR B 69 -12.69 -19.23 0.51
CA THR B 69 -13.61 -20.05 -0.25
C THR B 69 -14.33 -19.09 -1.20
N ILE B 70 -14.32 -19.41 -2.52
CA ILE B 70 -14.99 -18.56 -3.49
C ILE B 70 -16.10 -19.38 -4.11
N THR B 71 -17.31 -18.81 -4.10
CA THR B 71 -18.50 -19.48 -4.61
C THR B 71 -19.30 -18.54 -5.50
N ALA B 72 -20.31 -19.09 -6.21
CA ALA B 72 -21.10 -18.23 -7.07
C ALA B 72 -22.52 -18.73 -7.11
N ASP B 73 -23.45 -17.78 -7.22
CA ASP B 73 -24.87 -18.08 -7.36
C ASP B 73 -25.29 -17.49 -8.70
N GLU B 74 -25.29 -18.32 -9.75
CA GLU B 74 -25.67 -17.83 -11.09
C GLU B 74 -27.09 -17.29 -11.12
N SER B 75 -28.00 -17.82 -10.27
CA SER B 75 -29.40 -17.36 -10.31
C SER B 75 -29.58 -15.91 -9.87
N THR B 76 -28.60 -15.33 -9.14
CA THR B 76 -28.65 -13.94 -8.70
C THR B 76 -27.42 -13.15 -9.23
N SER B 77 -26.66 -13.75 -10.21
CA SER B 77 -25.47 -13.14 -10.82
CA SER B 77 -25.46 -13.19 -10.82
C SER B 77 -24.50 -12.65 -9.73
N THR B 78 -24.35 -13.42 -8.65
CA THR B 78 -23.49 -12.97 -7.54
C THR B 78 -22.37 -13.95 -7.23
N ALA B 79 -21.18 -13.41 -6.94
CA ALA B 79 -20.05 -14.24 -6.53
C ALA B 79 -19.72 -13.85 -5.09
N TYR B 80 -19.10 -14.76 -4.35
CA TYR B 80 -18.78 -14.52 -2.95
C TYR B 80 -17.39 -14.93 -2.63
N MET B 81 -16.82 -14.26 -1.63
CA MET B 81 -15.50 -14.57 -1.10
CA MET B 81 -15.52 -14.62 -1.11
C MET B 81 -15.67 -14.70 0.41
N GLU B 82 -15.29 -15.84 1.00
CA GLU B 82 -15.31 -16.02 2.45
C GLU B 82 -13.88 -16.17 2.91
N LEU B 83 -13.47 -15.38 3.90
CA LEU B 83 -12.10 -15.47 4.42
C LEU B 83 -12.21 -15.76 5.93
N SER B 84 -11.60 -16.86 6.38
CA SER B 84 -11.68 -17.23 7.80
C SER B 84 -10.41 -16.92 8.60
N SER B 85 -10.48 -17.09 9.95
CA SER B 85 -9.37 -16.88 10.89
C SER B 85 -8.70 -15.52 10.62
N LEU B 86 -9.51 -14.47 10.61
CA LEU B 86 -9.00 -13.12 10.27
C LEU B 86 -7.91 -12.63 11.21
N ARG B 87 -6.89 -11.98 10.61
CA ARG B 87 -5.76 -11.42 11.35
CA ARG B 87 -5.78 -11.42 11.37
C ARG B 87 -5.53 -9.98 10.93
N SER B 88 -4.68 -9.22 11.66
CA SER B 88 -4.40 -7.82 11.33
C SER B 88 -3.98 -7.63 9.89
N GLU B 89 -3.15 -8.55 9.33
CA GLU B 89 -2.67 -8.45 7.97
C GLU B 89 -3.80 -8.59 6.91
N ASP B 90 -5.01 -9.00 7.37
CA ASP B 90 -6.14 -9.14 6.44
C ASP B 90 -6.93 -7.85 6.27
N THR B 91 -6.57 -6.78 7.04
CA THR B 91 -7.19 -5.47 6.83
C THR B 91 -6.81 -5.00 5.44
N ALA B 92 -7.82 -4.78 4.59
CA ALA B 92 -7.54 -4.43 3.19
C ALA B 92 -8.81 -4.06 2.47
N VAL B 93 -8.66 -3.55 1.24
CA VAL B 93 -9.78 -3.38 0.33
C VAL B 93 -9.80 -4.64 -0.52
N TYR B 94 -10.95 -5.32 -0.55
CA TYR B 94 -11.12 -6.54 -1.32
C TYR B 94 -11.90 -6.22 -2.57
N TYR B 95 -11.35 -6.56 -3.75
CA TYR B 95 -12.02 -6.30 -5.02
C TYR B 95 -12.45 -7.59 -5.68
N CYS B 96 -13.59 -7.56 -6.37
CA CYS B 96 -13.89 -8.62 -7.30
C CYS B 96 -13.58 -8.06 -8.69
N ALA B 97 -13.20 -8.92 -9.64
CA ALA B 97 -12.86 -8.47 -10.97
C ALA B 97 -13.25 -9.55 -11.96
N ARG B 98 -13.76 -9.13 -13.09
CA ARG B 98 -14.18 -10.09 -14.12
C ARG B 98 -13.01 -10.46 -15.04
N GLU B 99 -12.92 -11.76 -15.39
CA GLU B 99 -12.01 -12.28 -16.43
C GLU B 99 -12.97 -12.48 -17.62
N PRO B 100 -12.82 -11.71 -18.72
CA PRO B 100 -13.81 -11.72 -19.81
C PRO B 100 -13.74 -12.89 -20.76
N ASP B 101 -13.63 -14.09 -20.19
CA ASP B 101 -13.74 -15.34 -20.96
C ASP B 101 -15.11 -15.33 -21.57
N TYR B 102 -15.22 -16.01 -22.69
CA TYR B 102 -16.52 -16.15 -23.30
C TYR B 102 -16.54 -17.45 -24.07
N TYR B 103 -17.74 -17.81 -24.54
CA TYR B 103 -17.90 -19.03 -25.29
C TYR B 103 -18.84 -18.77 -26.44
N ASP B 104 -18.72 -19.62 -27.46
CA ASP B 104 -19.67 -19.60 -28.57
C ASP B 104 -20.09 -21.07 -28.82
N SER B 105 -20.74 -21.34 -29.94
CA SER B 105 -21.22 -22.70 -30.21
C SER B 105 -20.14 -23.75 -30.34
N SER B 106 -18.89 -23.32 -30.57
CA SER B 106 -17.77 -24.25 -30.75
C SER B 106 -16.81 -24.40 -29.58
N GLY B 107 -16.83 -23.49 -28.62
CA GLY B 107 -15.89 -23.67 -27.55
C GLY B 107 -15.83 -22.51 -26.59
N TYR B 108 -14.85 -22.56 -25.70
CA TYR B 108 -14.60 -21.62 -24.63
C TYR B 108 -13.27 -20.96 -24.88
N TYR B 109 -13.24 -19.61 -24.79
CA TYR B 109 -12.07 -18.80 -25.10
C TYR B 109 -11.71 -17.93 -23.91
N PRO B 110 -10.73 -18.36 -23.10
CA PRO B 110 -10.35 -17.56 -21.92
C PRO B 110 -9.61 -16.29 -22.29
N ILE B 111 -9.80 -15.25 -21.47
CA ILE B 111 -9.02 -14.02 -21.56
C ILE B 111 -8.43 -13.88 -20.16
N ASP B 112 -7.09 -14.02 -20.06
CA ASP B 112 -6.44 -13.98 -18.76
C ASP B 112 -6.09 -12.56 -18.34
N ALA B 113 -7.11 -11.79 -18.00
CA ALA B 113 -6.98 -10.40 -17.57
C ALA B 113 -8.22 -9.97 -16.84
N PHE B 114 -8.17 -8.84 -16.14
CA PHE B 114 -9.29 -8.37 -15.29
C PHE B 114 -9.85 -7.09 -15.90
N ASP B 115 -10.95 -7.22 -16.66
CA ASP B 115 -11.43 -6.06 -17.44
C ASP B 115 -12.34 -5.09 -16.75
N ILE B 116 -13.13 -5.60 -15.80
CA ILE B 116 -13.98 -4.72 -15.01
CA ILE B 116 -14.09 -4.81 -15.02
C ILE B 116 -13.83 -5.11 -13.56
N TRP B 117 -13.82 -4.10 -12.70
CA TRP B 117 -13.57 -4.28 -11.28
C TRP B 117 -14.69 -3.69 -10.47
N GLY B 118 -14.98 -4.36 -9.35
CA GLY B 118 -15.94 -3.81 -8.39
C GLY B 118 -15.39 -2.56 -7.71
N GLN B 119 -16.22 -1.92 -6.88
CA GLN B 119 -15.79 -0.68 -6.22
C GLN B 119 -14.90 -0.95 -5.00
N GLY B 120 -14.79 -2.21 -4.59
CA GLY B 120 -14.00 -2.59 -3.43
C GLY B 120 -14.83 -2.64 -2.16
N THR B 121 -14.42 -3.50 -1.23
CA THR B 121 -15.05 -3.63 0.09
C THR B 121 -13.93 -3.59 1.10
N THR B 122 -13.99 -2.63 2.05
CA THR B 122 -12.99 -2.61 3.10
C THR B 122 -13.37 -3.61 4.16
N VAL B 123 -12.40 -4.43 4.55
CA VAL B 123 -12.56 -5.32 5.69
C VAL B 123 -11.48 -4.86 6.66
N THR B 124 -11.88 -4.44 7.87
CA THR B 124 -11.00 -3.94 8.93
CA THR B 124 -10.89 -4.03 8.86
C THR B 124 -10.94 -4.98 10.04
N VAL B 125 -9.76 -5.44 10.46
CA VAL B 125 -9.65 -6.40 11.55
C VAL B 125 -9.14 -5.64 12.76
N SER B 126 -9.98 -5.60 13.83
CA SER B 126 -9.80 -4.91 15.12
C SER B 126 -8.40 -4.66 15.64
N SER B 127 -8.24 -3.50 16.38
CA SER B 127 -7.06 -2.92 17.04
C SER B 127 -6.01 -3.93 17.53
N GLN B 143 5.02 -18.28 -3.68
CA GLN B 143 4.93 -17.45 -4.89
C GLN B 143 5.40 -16.01 -4.64
N SER B 144 6.37 -15.56 -5.46
CA SER B 144 6.93 -14.22 -5.40
C SER B 144 6.20 -13.28 -6.35
N ALA B 145 6.00 -12.04 -5.90
CA ALA B 145 5.37 -11.00 -6.71
C ALA B 145 6.30 -10.70 -7.91
N LEU B 146 5.74 -10.19 -9.00
CA LEU B 146 6.56 -9.82 -10.15
C LEU B 146 7.33 -8.56 -9.82
N THR B 147 8.54 -8.45 -10.33
CA THR B 147 9.43 -7.35 -9.98
C THR B 147 9.19 -6.13 -10.88
N GLN B 148 8.81 -5.00 -10.25
CA GLN B 148 8.60 -3.73 -10.95
C GLN B 148 9.40 -2.66 -10.24
N PRO B 149 9.87 -1.64 -10.97
CA PRO B 149 10.56 -0.53 -10.30
C PRO B 149 9.58 0.25 -9.44
N ALA B 150 10.06 0.72 -8.29
CA ALA B 150 9.17 1.47 -7.41
C ALA B 150 8.69 2.79 -8.02
N SER B 151 9.57 3.48 -8.78
CA SER B 151 9.27 4.81 -9.25
C SER B 151 9.82 5.07 -10.62
N VAL B 152 9.01 5.74 -11.45
CA VAL B 152 9.41 6.23 -12.78
CA VAL B 152 9.46 6.24 -12.74
C VAL B 152 8.95 7.69 -12.85
N SER B 153 9.82 8.63 -13.27
CA SER B 153 9.42 10.04 -13.35
C SER B 153 9.85 10.61 -14.70
N ALA B 154 8.99 11.43 -15.34
CA ALA B 154 9.32 12.09 -16.61
C ALA B 154 8.47 13.28 -16.84
N SER B 155 8.88 14.12 -17.80
CA SER B 155 8.15 15.34 -18.12
C SER B 155 7.09 15.09 -19.18
N PRO B 156 6.03 15.95 -19.26
CA PRO B 156 5.01 15.76 -20.31
C PRO B 156 5.63 15.69 -21.70
N GLY B 157 5.12 14.75 -22.50
CA GLY B 157 5.60 14.56 -23.87
C GLY B 157 6.68 13.52 -24.06
N GLN B 158 7.35 13.12 -22.97
CA GLN B 158 8.41 12.11 -23.04
C GLN B 158 7.74 10.72 -23.08
N SER B 159 8.53 9.65 -23.27
CA SER B 159 8.00 8.29 -23.14
C SER B 159 8.54 7.63 -21.87
N ILE B 160 7.71 6.80 -21.25
CA ILE B 160 8.18 6.04 -20.10
CA ILE B 160 8.07 6.04 -20.04
C ILE B 160 7.98 4.55 -20.39
N THR B 161 8.80 3.73 -19.76
CA THR B 161 8.71 2.28 -19.96
C THR B 161 8.87 1.64 -18.60
N ILE B 162 7.96 0.73 -18.26
CA ILE B 162 7.95 0.08 -16.94
C ILE B 162 8.18 -1.41 -17.14
N SER B 163 9.22 -1.95 -16.52
CA SER B 163 9.51 -3.38 -16.63
C SER B 163 8.74 -4.20 -15.59
N CYS B 164 8.59 -5.50 -15.86
CA CYS B 164 7.86 -6.43 -14.99
C CYS B 164 8.56 -7.77 -15.16
N THR B 165 9.41 -8.15 -14.20
CA THR B 165 10.19 -9.38 -14.34
C THR B 165 9.63 -10.50 -13.49
N GLY B 166 9.38 -11.64 -14.13
CA GLY B 166 8.89 -12.84 -13.46
C GLY B 166 9.81 -14.00 -13.75
N THR B 167 9.21 -15.19 -13.95
CA THR B 167 9.96 -16.42 -14.17
C THR B 167 9.39 -17.14 -15.38
N SER B 168 10.01 -18.26 -15.77
CA SER B 168 9.50 -19.03 -16.91
C SER B 168 8.15 -19.69 -16.63
N SER B 169 7.67 -19.71 -15.36
CA SER B 169 6.38 -20.29 -15.00
CA SER B 169 6.38 -20.30 -15.02
C SER B 169 5.26 -19.26 -15.03
N ASP B 170 5.59 -17.99 -15.26
CA ASP B 170 4.56 -16.96 -15.31
C ASP B 170 4.79 -16.06 -16.52
N VAL B 171 5.49 -14.93 -16.35
CA VAL B 171 5.68 -13.98 -17.45
C VAL B 171 6.30 -14.66 -18.70
N GLY B 172 7.30 -15.50 -18.48
CA GLY B 172 8.00 -16.14 -19.59
C GLY B 172 7.30 -17.33 -20.22
N ALA B 173 6.16 -17.76 -19.65
CA ALA B 173 5.50 -18.98 -20.12
C ALA B 173 4.65 -18.84 -21.37
N TYR B 174 3.83 -17.76 -21.43
CA TYR B 174 2.84 -17.55 -22.48
CA TYR B 174 2.87 -17.53 -22.52
C TYR B 174 2.53 -16.05 -22.59
N ASP B 175 1.71 -15.65 -23.60
CA ASP B 175 1.33 -14.25 -23.79
C ASP B 175 0.11 -13.97 -22.95
N TRP B 176 0.25 -14.11 -21.62
CA TRP B 176 -0.88 -13.94 -20.67
C TRP B 176 -0.54 -12.90 -19.60
N VAL B 177 0.14 -11.85 -20.05
CA VAL B 177 0.55 -10.71 -19.23
C VAL B 177 -0.39 -9.53 -19.48
N SER B 178 -0.82 -8.88 -18.41
CA SER B 178 -1.71 -7.74 -18.50
C SER B 178 -1.19 -6.59 -17.63
N TRP B 179 -1.71 -5.38 -17.91
CA TRP B 179 -1.28 -4.16 -17.21
C TRP B 179 -2.47 -3.35 -16.79
N TYR B 180 -2.33 -2.69 -15.63
CA TYR B 180 -3.42 -1.92 -15.00
C TYR B 180 -2.90 -0.58 -14.54
N GLN B 181 -3.80 0.41 -14.60
CA GLN B 181 -3.55 1.75 -14.09
C GLN B 181 -4.46 1.93 -12.86
N GLN B 182 -3.95 2.56 -11.78
CA GLN B 182 -4.82 2.80 -10.65
C GLN B 182 -4.55 4.17 -10.08
N HIS B 183 -5.60 4.99 -10.03
CA HIS B 183 -5.56 6.29 -9.42
C HIS B 183 -5.96 6.16 -7.94
N PRO B 184 -5.46 7.03 -7.04
CA PRO B 184 -5.88 6.92 -5.61
C PRO B 184 -7.39 7.04 -5.43
N GLY B 185 -7.93 6.16 -4.61
CA GLY B 185 -9.37 6.13 -4.32
C GLY B 185 -10.20 5.46 -5.40
N LYS B 186 -9.55 4.86 -6.41
CA LYS B 186 -10.28 4.19 -7.48
C LYS B 186 -9.83 2.74 -7.67
N ALA B 187 -10.70 1.95 -8.29
CA ALA B 187 -10.31 0.59 -8.64
C ALA B 187 -9.32 0.61 -9.84
N PRO B 188 -8.53 -0.46 -10.02
CA PRO B 188 -7.65 -0.53 -11.20
C PRO B 188 -8.46 -0.55 -12.50
N LYS B 189 -7.79 -0.13 -13.58
CA LYS B 189 -8.34 -0.10 -14.94
C LYS B 189 -7.42 -0.89 -15.84
N LEU B 190 -8.00 -1.82 -16.64
CA LEU B 190 -7.19 -2.61 -17.58
C LEU B 190 -6.67 -1.74 -18.74
N LEU B 191 -5.35 -1.79 -18.98
CA LEU B 191 -4.74 -1.05 -20.10
C LEU B 191 -4.35 -1.97 -21.24
N ILE B 192 -3.76 -3.13 -20.90
CA ILE B 192 -3.20 -4.05 -21.88
C ILE B 192 -3.50 -5.47 -21.44
N PHE B 193 -3.86 -6.33 -22.40
CA PHE B 193 -3.98 -7.74 -22.06
C PHE B 193 -3.28 -8.55 -23.14
N ASP B 194 -2.95 -9.83 -22.84
CA ASP B 194 -2.27 -10.70 -23.80
C ASP B 194 -1.01 -10.02 -24.40
N VAL B 195 -0.21 -9.41 -23.48
CA VAL B 195 1.05 -8.74 -23.74
C VAL B 195 0.89 -7.40 -24.44
N ASN B 196 0.13 -7.34 -25.53
CA ASN B 196 0.12 -6.09 -26.32
C ASN B 196 -1.23 -5.67 -26.88
N ASN B 197 -2.35 -6.25 -26.38
CA ASN B 197 -3.66 -5.86 -26.91
C ASN B 197 -4.29 -4.78 -26.05
N ARG B 198 -4.89 -3.78 -26.67
CA ARG B 198 -5.51 -2.70 -25.92
C ARG B 198 -7.04 -2.87 -25.95
N PRO B 199 -7.72 -2.78 -24.80
CA PRO B 199 -9.21 -2.81 -24.83
C PRO B 199 -9.73 -1.59 -25.60
N SER B 200 -10.97 -1.65 -26.11
CA SER B 200 -11.53 -0.49 -26.79
C SER B 200 -11.59 0.65 -25.76
N GLY B 201 -11.32 1.88 -26.18
CA GLY B 201 -11.35 2.98 -25.24
C GLY B 201 -10.00 3.35 -24.67
N VAL B 202 -9.02 2.42 -24.71
CA VAL B 202 -7.68 2.70 -24.21
C VAL B 202 -6.85 3.32 -25.32
N SER B 203 -6.20 4.47 -25.03
CA SER B 203 -5.35 5.15 -25.98
C SER B 203 -4.23 4.24 -26.50
N HIS B 204 -3.93 4.31 -27.81
CA HIS B 204 -2.84 3.52 -28.37
C HIS B 204 -1.45 4.09 -28.01
N ARG B 205 -1.42 5.14 -27.18
CA ARG B 205 -0.13 5.55 -26.66
C ARG B 205 0.33 4.63 -25.51
N PHE B 206 -0.55 3.71 -25.07
CA PHE B 206 -0.15 2.65 -24.14
C PHE B 206 0.13 1.42 -24.99
N SER B 207 1.33 0.83 -24.84
CA SER B 207 1.66 -0.37 -25.61
C SER B 207 2.42 -1.34 -24.73
N GLY B 208 2.42 -2.62 -25.11
CA GLY B 208 3.12 -3.62 -24.32
C GLY B 208 4.06 -4.46 -25.15
N SER B 209 5.09 -4.99 -24.45
CA SER B 209 6.11 -5.83 -25.04
CA SER B 209 6.15 -5.81 -25.01
C SER B 209 6.50 -6.92 -24.04
N LYS B 210 7.20 -7.96 -24.52
CA LYS B 210 7.67 -9.01 -23.63
C LYS B 210 8.85 -9.71 -24.29
N SER B 211 9.92 -9.91 -23.51
CA SER B 211 11.12 -10.62 -23.95
C SER B 211 11.59 -11.50 -22.80
N GLY B 212 11.79 -12.78 -23.06
CA GLY B 212 12.20 -13.70 -22.00
C GLY B 212 11.20 -13.65 -20.85
N ASN B 213 11.69 -13.44 -19.61
CA ASN B 213 10.82 -13.38 -18.42
C ASN B 213 10.45 -11.96 -18.02
N THR B 214 10.63 -10.96 -18.92
CA THR B 214 10.31 -9.57 -18.59
C THR B 214 9.35 -8.95 -19.59
N ALA B 215 8.26 -8.39 -19.06
CA ALA B 215 7.28 -7.67 -19.86
C ALA B 215 7.49 -6.16 -19.63
N SER B 216 7.10 -5.32 -20.60
CA SER B 216 7.25 -3.88 -20.41
C SER B 216 6.05 -3.14 -20.90
N LEU B 217 5.61 -2.13 -20.14
CA LEU B 217 4.55 -1.23 -20.56
C LEU B 217 5.22 0.06 -21.03
N THR B 218 4.89 0.52 -22.25
CA THR B 218 5.40 1.80 -22.72
C THR B 218 4.24 2.77 -22.77
N ILE B 219 4.47 3.97 -22.24
CA ILE B 219 3.51 5.07 -22.33
C ILE B 219 4.18 6.17 -23.14
N SER B 220 3.61 6.52 -24.31
CA SER B 220 4.18 7.60 -25.11
CA SER B 220 4.13 7.57 -25.18
C SER B 220 3.35 8.87 -24.92
N GLY B 221 3.93 10.03 -25.27
CA GLY B 221 3.27 11.33 -25.13
C GLY B 221 2.71 11.54 -23.74
N LEU B 222 3.53 11.31 -22.71
CA LEU B 222 3.14 11.42 -21.30
C LEU B 222 2.31 12.66 -20.97
N GLN B 223 1.17 12.45 -20.28
CA GLN B 223 0.22 13.50 -19.90
C GLN B 223 0.13 13.56 -18.38
N ALA B 224 -0.30 14.72 -17.84
CA ALA B 224 -0.46 14.93 -16.40
C ALA B 224 -1.34 13.87 -15.76
N GLU B 225 -2.45 13.51 -16.45
CA GLU B 225 -3.43 12.50 -16.04
C GLU B 225 -2.83 11.09 -15.94
N ASP B 226 -1.63 10.85 -16.54
CA ASP B 226 -0.97 9.55 -16.47
C ASP B 226 -0.31 9.27 -15.13
N GLU B 227 -0.19 10.32 -14.27
CA GLU B 227 0.39 10.17 -12.93
C GLU B 227 -0.56 9.25 -12.16
N ALA B 228 -0.05 8.05 -11.78
CA ALA B 228 -0.86 7.01 -11.17
C ALA B 228 0.06 5.85 -10.83
N ASP B 229 -0.49 4.78 -10.23
CA ASP B 229 0.26 3.57 -10.00
C ASP B 229 -0.07 2.60 -11.11
N TYR B 230 0.91 1.81 -11.52
CA TYR B 230 0.74 0.85 -12.59
C TYR B 230 1.17 -0.52 -12.15
N TYR B 231 0.35 -1.53 -12.44
CA TYR B 231 0.68 -2.90 -12.05
C TYR B 231 0.69 -3.82 -13.23
N CYS B 232 1.62 -4.78 -13.27
CA CYS B 232 1.50 -5.87 -14.24
C CYS B 232 0.89 -7.06 -13.52
N ALA B 233 0.39 -8.01 -14.28
CA ALA B 233 -0.07 -9.29 -13.74
C ALA B 233 0.21 -10.36 -14.77
N SER B 234 0.42 -11.59 -14.31
CA SER B 234 0.58 -12.69 -15.25
C SER B 234 -0.21 -13.86 -14.73
N ALA B 235 -0.76 -14.67 -15.65
CA ALA B 235 -1.30 -15.97 -15.25
C ALA B 235 -0.03 -16.89 -15.07
N THR B 236 -0.23 -18.07 -14.47
CA THR B 236 0.88 -18.97 -14.21
C THR B 236 0.60 -20.40 -14.63
N LEU B 237 1.67 -21.21 -14.69
CA LEU B 237 1.54 -22.65 -14.99
C LEU B 237 0.83 -23.44 -13.89
N LEU B 238 0.71 -22.82 -12.69
CA LEU B 238 0.04 -23.42 -11.54
C LEU B 238 -1.45 -23.05 -11.51
N ASP B 239 -1.95 -22.43 -12.60
CA ASP B 239 -3.36 -22.02 -12.74
C ASP B 239 -3.71 -20.95 -11.69
N THR B 240 -2.82 -19.99 -11.51
CA THR B 240 -3.02 -18.87 -10.59
C THR B 240 -2.67 -17.60 -11.36
N TYR B 241 -2.81 -16.44 -10.70
CA TYR B 241 -2.32 -15.17 -11.20
C TYR B 241 -1.38 -14.61 -10.14
N VAL B 242 -0.43 -13.83 -10.61
CA VAL B 242 0.47 -13.09 -9.72
C VAL B 242 0.60 -11.66 -10.22
N PHE B 243 0.54 -10.70 -9.31
CA PHE B 243 0.73 -9.29 -9.67
C PHE B 243 2.15 -8.84 -9.39
N GLY B 244 2.53 -7.79 -10.09
CA GLY B 244 3.78 -7.10 -9.81
C GLY B 244 3.62 -6.19 -8.59
N THR B 245 4.76 -5.68 -8.10
CA THR B 245 4.80 -4.84 -6.90
C THR B 245 4.25 -3.43 -7.09
N GLY B 246 4.06 -3.00 -8.33
CA GLY B 246 3.48 -1.70 -8.62
C GLY B 246 4.53 -0.63 -8.83
N THR B 247 4.29 0.24 -9.81
CA THR B 247 5.21 1.36 -10.06
C THR B 247 4.46 2.66 -9.96
N LYS B 248 5.00 3.61 -9.22
CA LYS B 248 4.41 4.93 -9.22
C LYS B 248 5.03 5.77 -10.32
N VAL B 249 4.18 6.32 -11.22
CA VAL B 249 4.61 7.23 -12.27
C VAL B 249 4.35 8.65 -11.80
N THR B 250 5.41 9.50 -11.75
CA THR B 250 5.25 10.91 -11.41
C THR B 250 5.48 11.68 -12.70
N VAL B 251 4.54 12.60 -13.04
CA VAL B 251 4.65 13.46 -14.22
C VAL B 251 5.15 14.82 -13.69
N LEU B 252 6.38 15.15 -14.05
CA LEU B 252 7.11 16.36 -13.62
C LEU B 252 6.61 17.65 -14.29
N GLY B 253 7.17 18.78 -13.86
CA GLY B 253 6.86 20.10 -14.39
C GLY B 253 7.41 20.33 -15.78
CL CL C . 19.49 -4.67 22.18
CL CL D . -2.23 9.32 31.55
CL CL E . -13.45 4.03 20.11
CL CL F . 27.88 -1.81 17.25
S SO4 G . 8.78 10.97 29.91
O1 SO4 G . 8.90 9.60 30.40
O2 SO4 G . 9.86 11.83 30.44
O3 SO4 G . 9.01 10.89 28.47
O4 SO4 G . 7.49 11.61 30.13
S SO4 H . 24.20 4.11 18.95
O1 SO4 H . 24.34 3.68 20.36
O2 SO4 H . 25.40 3.70 18.21
O3 SO4 H . 24.07 5.58 18.90
O4 SO4 H . 23.03 3.48 18.38
C1 EDO I . 27.16 1.41 13.86
O1 EDO I . 26.60 2.21 12.82
C2 EDO I . 27.22 -0.05 13.43
O2 EDO I . 27.15 -0.89 14.58
C1 EDO J . -0.71 6.37 33.64
O1 EDO J . -0.40 7.26 32.56
C2 EDO J . -1.08 5.00 33.09
O2 EDO J . 0.11 4.29 32.76
C1 EDO K . 22.68 18.74 12.18
O1 EDO K . 21.28 19.01 12.11
C2 EDO K . 22.89 17.30 11.82
O2 EDO K . 23.16 17.26 10.42
C1 EDO L . 14.56 7.63 20.48
O1 EDO L . 14.72 6.44 21.26
C2 EDO L . 14.59 8.84 21.41
O2 EDO L . 15.71 8.76 22.29
C1 EDO M . 16.93 -9.80 17.59
O1 EDO M . 16.88 -8.41 17.25
C2 EDO M . 18.13 -10.08 18.48
O2 EDO M . 19.32 -9.62 17.85
C1 EDO N . 28.09 12.69 3.74
O1 EDO N . 26.79 12.21 4.10
C2 EDO N . 28.07 13.19 2.30
O2 EDO N . 27.72 14.58 2.32
C1 EDO O . 2.88 0.46 -1.39
O1 EDO O . 3.94 0.74 -0.46
C2 EDO O . 3.07 -0.92 -1.99
O2 EDO O . 4.33 -0.96 -2.68
C1 EDO P . 13.55 -5.42 15.46
O1 EDO P . 12.16 -5.38 15.83
C2 EDO P . 14.30 -4.29 16.14
O2 EDO P . 14.53 -4.60 17.52
C1 EDO Q . 9.52 18.95 11.67
O1 EDO Q . 8.22 18.99 11.07
C2 EDO Q . 10.46 18.15 10.79
O2 EDO Q . 10.49 18.77 9.49
C1 EDO R . -0.39 15.23 23.65
O1 EDO R . -1.15 15.96 24.64
C2 EDO R . -0.14 13.78 24.09
O2 EDO R . 0.64 13.81 25.31
C1 EDO S . 17.17 17.54 13.48
O1 EDO S . 16.95 17.51 14.90
C2 EDO S . 18.52 18.16 13.18
O2 EDO S . 19.31 17.22 12.43
C1 EDO T . 21.51 19.34 25.55
O1 EDO T . 20.38 18.49 25.73
C2 EDO T . 21.28 20.65 26.30
O2 EDO T . 20.97 20.38 27.67
C1 EDO U . 5.20 9.49 -4.44
O1 EDO U . 6.36 10.09 -5.04
C2 EDO U . 4.34 10.56 -3.78
O2 EDO U . 3.38 11.06 -4.71
C1 EDO V . -22.93 4.07 0.09
O1 EDO V . -22.69 3.64 1.44
C2 EDO V . -22.86 5.59 0.01
O2 EDO V . -21.74 5.99 -0.79
C1 EDO W . -17.84 2.37 12.18
O1 EDO W . -18.01 1.23 13.04
C2 EDO W . -18.42 3.63 12.82
O2 EDO W . -18.20 4.76 11.97
C1 EDO X . 19.76 18.25 -5.48
O1 EDO X . 19.00 17.15 -4.94
C2 EDO X . 21.20 17.90 -5.86
O2 EDO X . 22.01 17.46 -4.76
C1 EDO Y . 5.43 10.69 3.08
O1 EDO Y . 5.13 11.91 3.72
C2 EDO Y . 5.91 10.90 1.66
O2 EDO Y . 6.07 9.59 1.12
C1 PEG Z . 16.42 1.61 -5.98
O1 PEG Z . 16.82 2.97 -6.05
C2 PEG Z . 17.50 0.67 -5.54
O2 PEG Z . 18.44 0.54 -6.60
C3 PEG Z . 19.82 0.85 -6.39
C4 PEG Z . 20.26 2.08 -7.12
O4 PEG Z . 21.14 2.83 -6.25
CL CL AA . -16.41 -9.84 14.46
CL CL BA . 1.02 -10.68 -31.29
S SO4 CA . -4.60 -3.82 -30.59
O1 SO4 CA . -4.68 -5.28 -30.51
O2 SO4 CA . -4.61 -3.20 -29.29
O3 SO4 CA . -5.72 -3.29 -31.36
O4 SO4 CA . -3.34 -3.44 -31.27
S SO4 DA . -18.83 -4.28 -21.00
O1 SO4 DA . -17.98 -3.22 -21.58
O2 SO4 DA . -18.61 -4.38 -19.59
O3 SO4 DA . -18.49 -5.59 -21.61
O4 SO4 DA . -20.23 -4.00 -21.27
S SO4 EA . -26.33 -15.35 3.78
O1 SO4 EA . -25.05 -15.73 4.40
O2 SO4 EA . -27.11 -14.54 4.71
O3 SO4 EA . -26.06 -14.59 2.55
O4 SO4 EA . -27.11 -16.55 3.47
C1 EDO FA . -24.28 -4.66 1.83
O1 EDO FA . -23.46 -4.99 2.96
C2 EDO FA . -24.38 -3.14 1.73
O2 EDO FA . -24.91 -2.82 0.43
C1 EDO GA . -22.19 -11.26 1.98
O1 EDO GA . -23.47 -11.70 1.49
C2 EDO GA . -22.23 -9.76 2.22
O2 EDO GA . -23.14 -9.45 3.27
C1 EDO HA . -6.25 4.59 -20.69
O1 EDO HA . -6.87 5.34 -21.74
C2 EDO HA . -5.81 5.50 -19.56
O2 EDO HA . -6.80 5.49 -18.51
C1 EDO IA . -21.66 -12.91 -11.74
O1 EDO IA . -21.63 -12.95 -13.17
C2 EDO IA . -20.53 -13.72 -11.14
O2 EDO IA . -20.48 -14.99 -11.80
C1 EDO JA . -19.87 -24.66 -21.89
O1 EDO JA . -20.01 -25.68 -22.88
C2 EDO JA . -19.45 -23.35 -22.55
O2 EDO JA . -18.35 -23.57 -23.44
C1 EDO KA . -17.30 -16.35 12.45
O1 EDO KA . -17.27 -14.93 12.37
C2 EDO KA . -16.51 -16.79 13.67
O2 EDO KA . -17.00 -16.10 14.82
C1 EDO LA . -3.35 -11.43 14.63
O1 EDO LA . -4.31 -10.41 14.34
C2 EDO LA . -2.06 -11.12 13.91
O2 EDO LA . -1.08 -12.11 14.24
C1 EDO MA . -12.02 1.45 -30.29
O1 EDO MA . -12.92 2.47 -29.82
C2 EDO MA . -10.58 1.91 -30.13
O2 EDO MA . -10.35 2.26 -28.77
C1 EDO NA . -10.47 -7.81 -22.90
O1 EDO NA . -11.37 -8.63 -23.66
C2 EDO NA . -11.08 -6.44 -22.67
O2 EDO NA . -11.70 -5.95 -23.86
C1 EDO OA . -5.74 10.09 -24.15
O1 EDO OA . -5.33 9.13 -23.17
C2 EDO OA . -4.77 10.06 -25.32
O2 EDO OA . -5.41 10.48 -26.52
C1 EDO PA . -4.90 -18.64 -14.44
O1 EDO PA . -5.94 -18.48 -13.46
C2 EDO PA . -5.41 -18.13 -15.77
O2 EDO PA . -6.71 -18.63 -16.07
C1 EDO QA . -10.28 -4.24 19.69
O1 EDO QA . -11.49 -3.85 19.02
C2 EDO QA . -10.28 -5.75 19.89
O2 EDO QA . -9.12 -6.32 19.27
C1 PEG RA . 15.51 4.20 -9.38
O1 PEG RA . 16.78 4.02 -8.78
C2 PEG RA . 15.33 5.63 -9.74
O2 PEG RA . 14.00 6.07 -9.55
C3 PEG RA . 13.51 6.79 -10.64
C4 PEG RA . 13.05 8.15 -10.24
O4 PEG RA . 11.65 8.27 -10.38
#